data_5F1T
#
_entry.id   5F1T
#
_cell.length_a   77.518
_cell.length_b   77.518
_cell.length_c   77.518
_cell.angle_alpha   90.00
_cell.angle_beta   90.00
_cell.angle_gamma   90.00
#
_symmetry.space_group_name_H-M   'P 21 3'
#
loop_
_entity.id
_entity.type
_entity.pdbx_description
1 polymer 'Macrocyclic peptide'
2 non-polymer 'CHLORIDE ION'
3 non-polymer (4S)-2-METHYL-2,4-PENTANEDIOL
4 non-polymer 'SULFATE ION'
5 non-polymer (4R)-2-METHYLPENTANE-2,4-DIOL
6 water water
#
_entity_poly.entity_id   1
_entity_poly.type   'polypeptide(L)'
_entity_poly.pdbx_seq_one_letter_code
;(ORN)AVL(PHI)VGS(ORN)VHG(MVA)ATV
;
_entity_poly.pdbx_strand_id   A,B,C,D,E,F
#
loop_
_chem_comp.id
_chem_comp.type
_chem_comp.name
_chem_comp.formula
CL non-polymer 'CHLORIDE ION' 'Cl -1'
MPD non-polymer (4S)-2-METHYL-2,4-PENTANEDIOL 'C6 H14 O2'
MRD non-polymer (4R)-2-METHYLPENTANE-2,4-DIOL 'C6 H14 O2'
SO4 non-polymer 'SULFATE ION' 'O4 S -2'
#
# COMPACT_ATOMS: atom_id res chain seq x y z
N ORN A 1 26.05 0.79 -7.80
CA ORN A 1 24.95 0.17 -8.56
CB ORN A 1 24.90 -1.34 -8.30
CG ORN A 1 24.83 -2.17 -9.58
CD ORN A 1 24.59 -3.65 -9.33
NE ORN A 1 23.19 -3.98 -9.56
C ORN A 1 23.62 0.84 -8.19
O ORN A 1 23.42 1.23 -7.05
H2 ORN A 1 25.99 1.82 -7.77
H ORN A 1 26.07 0.50 -6.82
H3 ORN A 1 26.98 0.58 -8.17
HA ORN A 1 25.15 0.40 -9.62
HB2 ORN A 1 24.01 -1.57 -7.69
HB3 ORN A 1 25.81 -1.65 -7.75
HG2 ORN A 1 25.77 -2.06 -10.13
HG3 ORN A 1 24.01 -1.79 -10.20
HD2 ORN A 1 24.84 -3.89 -8.29
HD3 ORN A 1 25.20 -4.24 -10.02
HE1 ORN A 1 22.53 -3.31 -9.19
N ALA A 2 22.72 0.96 -9.22
CA ALA A 2 21.42 1.59 -9.01
C ALA A 2 20.52 0.76 -8.10
N VAL A 3 19.83 1.44 -7.18
CA VAL A 3 18.87 0.79 -6.28
CA VAL A 3 18.87 0.80 -6.29
C VAL A 3 17.46 0.88 -6.88
N LEU A 4 16.76 -0.24 -6.88
CA LEU A 4 15.50 -0.36 -7.58
C LEU A 4 14.35 -0.82 -6.69
N PHI A 5 13.14 -0.47 -7.10
CA PHI A 5 11.94 -1.01 -6.50
CB PHI A 5 10.84 0.06 -6.31
CG PHI A 5 10.91 0.69 -4.92
CD1 PHI A 5 10.91 -0.10 -3.70
CD2 PHI A 5 10.96 2.06 -4.84
CE1 PHI A 5 10.96 0.51 -2.49
CE2 PHI A 5 11.01 2.67 -3.64
CZ PHI A 5 11.01 1.90 -2.44
I PHI A 5 11.09 2.96 -0.62
C PHI A 5 11.41 -1.99 -7.46
O PHI A 5 11.19 -1.65 -8.67
H PHI A 5 12.94 0.13 -7.80
HA PHI A 5 12.14 -1.44 -5.66
HB2 PHI A 5 10.01 -0.34 -6.43
HB3 PHI A 5 10.96 0.74 -6.98
HD1 PHI A 5 10.87 -1.06 -3.75
HD2 PHI A 5 10.96 2.61 -5.71
HE1 PHI A 5 10.96 -0.03 -1.64
HE2 PHI A 5 11.05 3.71 -3.59
N VAL A 6 11.19 -3.21 -7.00
CA VAL A 6 10.71 -4.26 -7.86
C VAL A 6 9.46 -4.85 -7.24
N GLY A 7 8.45 -5.07 -8.07
CA GLY A 7 7.20 -5.64 -7.60
C GLY A 7 6.04 -5.33 -8.51
N SER A 8 4.84 -5.32 -7.95
CA SER A 8 3.65 -5.20 -8.79
C SER A 8 2.43 -4.76 -8.04
N ORN A 9 -0.24 -1.87 -4.62
CA ORN A 9 0.85 -2.72 -5.12
CB ORN A 9 1.50 -2.09 -6.35
CG ORN A 9 0.59 -2.04 -7.54
CD ORN A 9 0.37 -3.41 -8.15
NE ORN A 9 1.60 -3.90 -8.72
C ORN A 9 1.92 -2.91 -4.06
O ORN A 9 2.05 -2.14 -3.13
H2 ORN A 9 -1.08 -1.91 -5.20
H ORN A 9 0.00 -0.88 -4.57
H3 ORN A 9 -0.56 -2.12 -3.68
HA ORN A 9 0.41 -3.70 -5.32
HB2 ORN A 9 1.83 -1.07 -6.11
HB3 ORN A 9 2.35 -2.71 -6.63
HG2 ORN A 9 1.02 -1.38 -8.29
HG3 ORN A 9 -0.38 -1.62 -7.23
HD2 ORN A 9 0.04 -4.09 -7.38
HD3 ORN A 9 -0.37 -3.32 -8.95
HE1 ORN A 9 1.80 -3.59 -9.67
N VAL A 10 2.72 -4.00 -4.21
CA VAL A 10 3.76 -4.28 -3.27
C VAL A 10 5.10 -4.31 -3.97
N HIS A 11 6.05 -3.55 -3.43
CA HIS A 11 7.39 -3.50 -3.98
C HIS A 11 8.43 -3.76 -2.91
N GLY A 12 9.57 -4.24 -3.38
CA GLY A 12 10.69 -4.54 -2.51
C GLY A 12 11.91 -3.96 -3.16
N MVA A 13 13.06 -4.11 -2.51
CN MVA A 13 13.22 -4.98 -1.34
CA MVA A 13 14.23 -3.44 -3.01
CB MVA A 13 14.86 -2.54 -1.95
CG1 MVA A 13 13.82 -1.54 -1.44
CG2 MVA A 13 16.05 -1.78 -2.50
C MVA A 13 15.21 -4.40 -3.61
O MVA A 13 15.64 -5.40 -3.00
HN1 MVA A 13 13.54 -4.41 -0.52
HN2 MVA A 13 13.95 -5.72 -1.56
HN3 MVA A 13 12.29 -5.44 -1.12
HA MVA A 13 13.91 -2.78 -3.82
HB MVA A 13 15.21 -3.16 -1.10
HG11 MVA A 13 12.94 -2.06 -1.15
HG12 MVA A 13 13.59 -0.85 -2.20
HG13 MVA A 13 14.21 -1.02 -0.60
HG21 MVA A 13 15.72 -1.11 -3.25
HG22 MVA A 13 16.75 -2.47 -2.92
HG23 MVA A 13 16.52 -1.23 -1.73
N ALA A 14 15.58 -4.09 -4.83
CA ALA A 14 16.49 -4.93 -5.56
C ALA A 14 17.59 -4.06 -6.11
N THR A 15 18.60 -4.72 -6.64
CA THR A 15 19.68 -4.02 -7.31
C THR A 15 20.35 -5.01 -8.22
N VAL A 16 20.64 -4.51 -9.41
CA VAL A 16 21.29 -5.31 -10.43
C VAL A 16 22.80 -5.09 -10.27
N ORN B 1 4.11 -1.53 14.81
CA ORN B 1 3.64 -2.07 13.56
CB ORN B 1 2.87 -3.35 13.81
CG ORN B 1 3.80 -4.48 14.24
CD ORN B 1 4.64 -5.01 13.03
NE ORN B 1 3.75 -5.42 11.99
C ORN B 1 2.77 -1.04 12.87
O ORN B 1 2.09 -0.24 13.50
H2 ORN B 1 4.45 -0.57 14.73
H ORN B 1 4.90 -2.06 15.21
H3 ORN B 1 3.40 -1.52 15.54
HA ORN B 1 4.52 -2.23 12.94
HB2 ORN B 1 2.11 -3.19 14.58
HB3 ORN B 1 2.40 -3.64 12.85
HG2 ORN B 1 3.19 -5.31 14.63
HG3 ORN B 1 4.47 -4.11 15.02
HD2 ORN B 1 5.22 -5.88 13.36
HD3 ORN B 1 5.29 -4.21 12.67
HE1 ORN B 1 3.29 -6.31 12.16
N ALA B 2 2.86 -1.04 11.51
CA ALA B 2 2.11 -0.12 10.69
C ALA B 2 0.69 -0.63 10.63
N VAL B 3 -0.27 0.27 10.83
CA VAL B 3 -1.66 -0.03 10.55
C VAL B 3 -1.91 0.30 9.08
N LEU B 4 -2.49 -0.67 8.39
CA LEU B 4 -2.60 -0.62 6.94
C LEU B 4 -4.01 -0.89 6.50
N PHI B 5 -4.35 -0.35 5.34
CA PHI B 5 -5.63 -0.58 4.69
CB PHI B 5 -6.23 0.82 4.49
CG PHI B 5 -7.57 0.84 3.72
CD1 PHI B 5 -7.56 1.41 2.39
CD2 PHI B 5 -8.72 0.38 4.28
CE1 PHI B 5 -8.71 1.48 1.68
CE2 PHI B 5 -9.89 0.45 3.57
CZ PHI B 5 -9.86 1.01 2.24
I PHI B 5 -11.62 1.15 1.08
C PHI B 5 -5.30 -1.27 3.42
O PHI B 5 -4.66 -0.67 2.46
H PHI B 5 -3.82 0.23 4.82
HA PHI B 5 -6.20 -1.13 5.24
HB2 PHI B 5 -5.61 1.33 4.01
HB3 PHI B 5 -6.36 1.22 5.34
HD1 PHI B 5 -6.74 1.74 2.01
HD2 PHI B 5 -8.72 -0.01 5.23
HE1 PHI B 5 -8.70 1.87 0.75
HE2 PHI B 5 -10.78 0.10 3.98
N VAL B 6 -5.70 -2.53 3.34
CA VAL B 6 -5.27 -3.41 2.26
C VAL B 6 -6.44 -4.01 1.53
N GLY B 7 -6.21 -4.34 0.28
CA GLY B 7 -7.18 -5.07 -0.52
C GLY B 7 -7.20 -4.51 -1.90
N SER B 8 -8.20 -4.88 -2.67
CA SER B 8 -8.40 -4.23 -3.95
C SER B 8 -9.80 -4.43 -4.48
N ORN B 9 -15.02 -4.27 -4.83
CA ORN B 9 -13.70 -4.43 -4.19
CB ORN B 9 -12.88 -3.13 -4.17
CG ORN B 9 -12.44 -2.68 -5.55
CD ORN B 9 -11.47 -3.68 -6.18
NE ORN B 9 -10.13 -3.62 -5.52
C ORN B 9 -13.89 -4.79 -2.72
O ORN B 9 -14.92 -4.54 -2.12
H2 ORN B 9 -15.71 -4.08 -4.10
H ORN B 9 -15.31 -5.19 -5.19
HA ORN B 9 -13.13 -5.22 -4.70
HB2 ORN B 9 -11.99 -3.27 -3.55
HB3 ORN B 9 -13.47 -2.32 -3.71
HG2 ORN B 9 -13.31 -2.56 -6.21
HG3 ORN B 9 -11.95 -1.70 -5.50
HD2 ORN B 9 -11.34 -3.48 -7.26
HD3 ORN B 9 -11.84 -4.70 -6.06
HE1 ORN B 9 -9.48 -2.92 -5.89
N VAL B 10 -12.81 -5.38 -2.13
CA VAL B 10 -12.83 -5.76 -0.73
C VAL B 10 -11.55 -5.34 -0.10
N HIS B 11 -11.69 -4.56 0.97
CA HIS B 11 -10.54 -4.06 1.66
C HIS B 11 -10.70 -4.43 3.11
N GLY B 12 -9.65 -4.24 3.87
CA GLY B 12 -9.75 -4.45 5.28
C GLY B 12 -8.54 -3.87 5.94
N MVA B 13 -8.51 -3.89 7.27
CN MVA B 13 -9.58 -4.47 8.09
CA MVA B 13 -7.35 -3.36 7.97
CB MVA B 13 -7.74 -2.54 9.20
CG1 MVA B 13 -8.63 -1.36 8.82
CG2 MVA B 13 -6.49 -2.03 9.91
C MVA B 13 -6.40 -4.46 8.35
O MVA B 13 -6.81 -5.54 8.76
HN1 MVA B 13 -9.99 -3.72 8.71
HN2 MVA B 13 -9.19 -5.25 8.68
HN3 MVA B 13 -10.33 -4.85 7.45
HA MVA B 13 -6.83 -2.68 7.28
HB MVA B 13 -8.30 -3.19 9.88
HG11 MVA B 13 -9.44 -1.70 8.24
HG12 MVA B 13 -8.06 -0.65 8.27
HG13 MVA B 13 -9.00 -0.90 9.70
HG21 MVA B 13 -5.97 -1.36 9.30
HG22 MVA B 13 -5.86 -2.86 10.14
HG23 MVA B 13 -6.78 -1.56 10.81
N ALA B 14 -5.10 -4.20 8.19
CA ALA B 14 -4.11 -5.14 8.64
C ALA B 14 -3.01 -4.39 9.36
N THR B 15 -2.29 -5.10 10.21
CA THR B 15 -1.15 -4.53 10.91
C THR B 15 0.06 -5.36 10.56
N VAL B 16 1.17 -4.69 10.29
CA VAL B 16 2.45 -5.29 9.95
C VAL B 16 3.48 -4.67 10.89
N ORN C 1 1.21 4.54 -0.53
CA ORN C 1 1.58 3.25 0.09
CB ORN C 1 2.21 2.36 -0.95
CG ORN C 1 1.20 1.84 -1.96
CD ORN C 1 0.28 0.79 -1.36
NE ORN C 1 1.08 -0.32 -0.91
C ORN C 1 2.54 3.45 1.28
O ORN C 1 3.38 4.34 1.31
H2 ORN C 1 0.98 5.27 0.15
H ORN C 1 1.95 4.93 -1.12
H3 ORN C 1 0.39 4.47 -1.13
HA ORN C 1 0.65 2.85 0.50
HB2 ORN C 1 2.65 1.49 -0.45
HB3 ORN C 1 2.97 2.93 -1.49
HG2 ORN C 1 1.73 1.40 -2.81
HG3 ORN C 1 0.59 2.68 -2.32
HD2 ORN C 1 -0.26 1.22 -0.51
HD3 ORN C 1 -0.41 0.44 -2.12
HE1 ORN C 1 1.41 -0.92 -1.65
N ALA C 2 2.39 2.54 2.29
CA ALA C 2 3.19 2.55 3.48
C ALA C 2 4.59 2.06 3.15
N VAL C 3 5.61 2.71 3.69
CA VAL C 3 6.95 2.14 3.63
C VAL C 3 7.16 1.36 4.93
N LEU C 4 7.54 0.09 4.77
CA LEU C 4 7.62 -0.86 5.87
C LEU C 4 8.99 -1.47 5.95
N PHI C 5 9.37 -1.87 7.15
CA PHI C 5 10.62 -2.54 7.40
CB PHI C 5 11.29 -1.73 8.52
CG PHI C 5 12.59 -2.33 9.08
CD1 PHI C 5 13.81 -2.33 8.28
CD2 PHI C 5 12.60 -2.82 10.36
CE1 PHI C 5 14.96 -2.82 8.82
CE2 PHI C 5 13.75 -3.32 10.90
CZ PHI C 5 14.96 -3.32 10.12
I PHI C 5 16.73 -4.09 10.97
C PHI C 5 10.25 -3.89 7.88
O PHI C 5 9.69 -4.03 9.02
H PHI C 5 8.88 -1.75 7.94
HA PHI C 5 11.17 -2.58 6.62
HB2 PHI C 5 10.68 -1.66 9.22
HB3 PHI C 5 11.47 -0.85 8.19
HD1 PHI C 5 13.81 -1.97 7.39
HD2 PHI C 5 11.74 -2.80 10.92
HE1 PHI C 5 15.80 -2.83 8.28
HE2 PHI C 5 13.75 -3.69 11.88
N VAL C 6 10.51 -4.91 7.07
CA VAL C 6 10.01 -6.23 7.37
C VAL C 6 11.12 -7.25 7.32
N GLY C 7 10.89 -8.35 8.03
CA GLY C 7 11.84 -9.44 8.07
C GLY C 7 11.94 -9.94 9.50
N SER C 8 12.94 -10.77 9.75
CA SER C 8 13.01 -11.46 11.03
C SER C 8 14.43 -11.83 11.36
N ORN C 9 19.60 -12.24 11.67
CA ORN C 9 18.31 -11.85 11.08
CB ORN C 9 17.60 -10.75 11.89
CG ORN C 9 17.09 -11.16 13.25
CD ORN C 9 16.09 -12.31 13.19
NE ORN C 9 14.73 -11.91 12.70
C ORN C 9 18.55 -11.22 9.72
O ORN C 9 19.64 -10.84 9.33
H2 ORN C 9 19.75 -13.23 11.48
H ORN C 9 19.50 -12.19 12.69
HA ORN C 9 17.67 -12.74 10.98
HB2 ORN C 9 16.75 -10.39 11.30
HB3 ORN C 9 18.28 -9.90 12.01
HG2 ORN C 9 17.93 -11.45 13.89
HG3 ORN C 9 16.61 -10.30 13.75
HD2 ORN C 9 16.47 -13.09 12.52
HD3 ORN C 9 15.95 -12.75 14.18
HE1 ORN C 9 14.04 -11.72 13.42
N VAL C 10 17.40 -11.07 8.99
CA VAL C 10 17.40 -10.44 7.70
C VAL C 10 16.13 -9.60 7.64
N HIS C 11 16.30 -8.35 7.26
CA HIS C 11 15.17 -7.46 7.06
C HIS C 11 15.30 -6.76 5.74
N GLY C 12 14.21 -6.16 5.31
CA GLY C 12 14.23 -5.37 4.10
C GLY C 12 13.14 -4.32 4.09
N MVA C 13 13.20 -3.38 3.13
CN MVA C 13 14.28 -3.25 2.16
CA MVA C 13 12.12 -2.43 2.99
CB MVA C 13 12.64 -1.01 2.74
CG1 MVA C 13 13.53 -0.55 3.87
CG2 MVA C 13 11.49 -0.03 2.54
C MVA C 13 11.14 -2.90 1.94
O MVA C 13 11.52 -3.34 0.83
HN1 MVA C 13 14.74 -2.31 2.27
HN2 MVA C 13 13.88 -3.33 1.17
HN3 MVA C 13 15.00 -4.02 2.31
HA MVA C 13 11.59 -2.41 3.95
HB MVA C 13 13.24 -1.02 1.82
HG11 MVA C 13 14.28 -1.27 4.06
HG12 MVA C 13 12.95 -0.41 4.75
HG13 MVA C 13 13.99 0.37 3.61
HG21 MVA C 13 10.95 0.05 3.44
HG22 MVA C 13 10.85 -0.38 1.78
HG23 MVA C 13 11.88 0.92 2.28
N ALA C 14 9.86 -2.87 2.30
CA ALA C 14 8.80 -3.18 1.37
C ALA C 14 7.82 -2.03 1.35
N THR C 15 7.05 -1.91 0.28
CA THR C 15 5.99 -0.93 0.26
C THR C 15 4.67 -1.63 0.00
N VAL C 16 3.63 -1.20 0.71
CA VAL C 16 2.30 -1.73 0.61
C VAL C 16 1.41 -0.54 0.41
N ORN D 1 -24.62 2.92 13.43
CA ORN D 1 -24.27 3.59 12.15
CB ORN D 1 -23.92 5.05 12.41
CG ORN D 1 -25.14 5.93 12.73
CD ORN D 1 -25.99 6.21 11.49
NE ORN D 1 -25.21 6.91 10.49
C ORN D 1 -23.10 2.88 11.54
O ORN D 1 -22.25 2.30 12.23
H2 ORN D 1 -25.54 3.18 13.79
H ORN D 1 -23.97 3.12 14.19
H3 ORN D 1 -24.65 1.90 13.36
HA ORN D 1 -25.13 3.46 11.49
HB2 ORN D 1 -23.44 5.47 11.50
HB3 ORN D 1 -23.23 5.11 13.26
HG2 ORN D 1 -24.80 6.89 13.13
HG3 ORN D 1 -25.75 5.43 13.48
HD2 ORN D 1 -26.33 5.26 11.08
HD3 ORN D 1 -26.82 6.84 11.77
HE1 ORN D 1 -25.05 7.89 10.65
N ALA D 2 -23.05 2.91 10.17
CA ALA D 2 -21.98 2.27 9.41
C ALA D 2 -20.77 3.19 9.22
N VAL D 3 -19.58 2.63 9.44
CA VAL D 3 -18.32 3.27 9.09
C VAL D 3 -18.09 3.14 7.59
N LEU D 4 -17.71 4.26 6.96
CA LEU D 4 -17.46 4.28 5.53
C LEU D 4 -16.09 4.81 5.22
N PHI D 5 -15.48 4.30 4.16
CA PHI D 5 -14.29 4.89 3.58
CB PHI D 5 -13.24 3.83 3.17
CG PHI D 5 -12.31 3.55 4.36
CD1 PHI D 5 -11.24 4.48 4.68
CD2 PHI D 5 -12.48 2.43 5.11
CE1 PHI D 5 -10.41 4.23 5.72
CE2 PHI D 5 -11.64 2.16 6.15
CZ PHI D 5 -10.59 3.08 6.47
I PHI D 5 -9.28 2.66 8.10
C PHI D 5 -14.74 5.55 2.33
O PHI D 5 -15.43 4.90 1.47
H PHI D 5 -15.73 3.51 3.71
HA PHI D 5 -13.91 5.53 4.17
HB2 PHI D 5 -12.75 4.16 2.46
HB3 PHI D 5 -13.69 3.02 2.92
HD1 PHI D 5 -11.12 5.27 4.15
HD2 PHI D 5 -13.24 1.77 4.88
HE1 PHI D 5 -9.67 4.87 5.94
HE2 PHI D 5 -11.77 1.30 6.72
N VAL D 6 -14.38 6.81 2.18
CA VAL D 6 -14.79 7.59 1.02
C VAL D 6 -13.56 8.21 0.36
N GLY D 7 -13.49 8.09 -0.95
CA GLY D 7 -12.39 8.68 -1.71
C GLY D 7 -12.21 7.91 -2.98
N SER D 8 -11.00 7.88 -3.52
CA SER D 8 -10.75 7.07 -4.69
C SER D 8 -9.29 6.86 -4.97
N ORN D 9 -4.55 4.92 -3.90
CA ORN D 9 -5.82 5.69 -3.69
CB ORN D 9 -7.04 4.77 -3.86
CG ORN D 9 -7.22 4.29 -5.29
CD ORN D 9 -7.70 5.40 -6.18
NE ORN D 9 -9.03 5.79 -5.80
C ORN D 9 -5.87 6.27 -2.29
O ORN D 9 -5.32 5.70 -1.38
H2 ORN D 9 -4.37 4.71 -4.89
H ORN D 9 -4.55 4.02 -3.42
H3 ORN D 9 -3.72 5.40 -3.56
HA ORN D 9 -5.81 6.52 -4.40
HB2 ORN D 9 -6.94 3.89 -3.20
HB3 ORN D 9 -7.94 5.34 -3.60
HG2 ORN D 9 -7.96 3.47 -5.30
HG3 ORN D 9 -6.26 3.90 -5.66
HD2 ORN D 9 -7.02 6.25 -6.08
HD3 ORN D 9 -7.71 5.03 -7.22
HE1 ORN D 9 -9.78 5.20 -6.17
N VAL D 10 -6.59 7.42 -2.15
CA VAL D 10 -6.73 8.07 -0.86
C VAL D 10 -8.18 8.05 -0.44
N HIS D 11 -8.42 7.57 0.78
CA HIS D 11 -9.75 7.54 1.35
C HIS D 11 -9.77 8.26 2.69
N GLY D 12 -10.92 8.88 2.96
CA GLY D 12 -11.18 9.50 4.24
C GLY D 12 -12.33 8.72 4.87
N MVA D 13 -12.73 9.11 6.07
CN MVA D 13 -12.06 10.18 6.82
CA MVA D 13 -13.73 8.33 6.79
CB MVA D 13 -13.17 7.70 8.07
CG1 MVA D 13 -11.90 6.91 7.76
CG2 MVA D 13 -14.18 6.74 8.72
C MVA D 13 -14.97 9.11 7.09
O MVA D 13 -14.94 10.27 7.52
HN1 MVA D 13 -11.51 9.75 7.62
HN2 MVA D 13 -12.78 10.85 7.20
HN3 MVA D 13 -11.39 10.70 6.18
HA MVA D 13 -14.01 7.51 6.13
HB MVA D 13 -12.93 8.49 8.78
HG11 MVA D 13 -11.24 7.54 7.22
HG12 MVA D 13 -12.15 6.07 7.17
HG13 MVA D 13 -11.45 6.60 8.66
HG21 MVA D 13 -14.35 5.92 8.08
HG22 MVA D 13 -15.09 7.26 8.88
HG23 MVA D 13 -13.80 6.40 9.64
N ALA D 14 -16.08 8.44 6.86
CA ALA D 14 -17.39 9.03 7.08
C ALA D 14 -18.26 8.04 7.83
N THR D 15 -19.38 8.51 8.32
CA THR D 15 -20.26 7.67 9.10
C THR D 15 -21.69 7.99 8.77
N VAL D 16 -22.48 6.94 8.71
CA VAL D 16 -23.90 7.11 8.44
C VAL D 16 -24.71 6.25 9.39
N ORN E 1 -16.11 -12.79 13.11
CA ORN E 1 -16.29 -12.53 11.66
CB ORN E 1 -17.70 -11.99 11.38
CG ORN E 1 -18.83 -13.00 11.52
CD ORN E 1 -20.18 -12.28 11.30
NE ORN E 1 -20.11 -11.49 10.11
C ORN E 1 -15.29 -11.47 11.21
O ORN E 1 -15.05 -10.49 11.91
H2 ORN E 1 -16.47 -12.05 13.70
H ORN E 1 -15.12 -12.91 13.37
H3 ORN E 1 -16.59 -13.64 13.43
HA ORN E 1 -16.07 -13.46 11.13
HB2 ORN E 1 -17.72 -11.62 10.34
HB3 ORN E 1 -17.89 -11.15 12.06
HG2 ORN E 1 -18.71 -13.79 10.78
HG3 ORN E 1 -18.81 -13.42 12.53
HD2 ORN E 1 -20.39 -11.64 12.16
HD3 ORN E 1 -20.97 -13.04 11.19
HE1 ORN E 1 -20.10 -10.48 10.24
N ALA E 2 -14.74 -11.68 9.98
CA ALA E 2 -13.78 -10.74 9.41
C ALA E 2 -14.41 -9.37 9.25
N VAL E 3 -13.62 -8.33 9.52
CA VAL E 3 -14.00 -6.96 9.17
C VAL E 3 -13.49 -6.69 7.75
N LEU E 4 -14.43 -6.42 6.86
CA LEU E 4 -14.15 -6.17 5.46
C LEU E 4 -14.88 -4.94 5.00
N PHI E 5 -14.25 -4.14 4.16
CA PHI E 5 -14.90 -2.99 3.55
CB PHI E 5 -14.00 -1.73 3.49
CG PHI E 5 -13.73 -1.32 4.96
CD1 PHI E 5 -14.75 -0.60 5.70
CD2 PHI E 5 -12.54 -1.65 5.56
CE1 PHI E 5 -14.51 -0.25 6.99
CE2 PHI E 5 -12.30 -1.31 6.84
CZ PHI E 5 -13.31 -0.59 7.58
I PHI E 5 -12.94 -0.04 9.59
C PHI E 5 -15.22 -3.40 2.18
O PHI E 5 -14.36 -4.01 1.48
H PHI E 5 -13.36 -4.23 3.89
HA PHI E 5 -15.71 -2.79 4.03
HB2 PHI E 5 -14.45 -1.06 3.06
HB3 PHI E 5 -13.18 -1.94 3.05
HD1 PHI E 5 -15.59 -0.37 5.28
HD2 PHI E 5 -11.83 -2.17 5.01
HE1 PHI E 5 -15.20 0.25 7.50
HE2 PHI E 5 -11.39 -1.55 7.29
N VAL E 6 -16.43 -3.10 1.75
CA VAL E 6 -16.91 -3.49 0.44
C VAL E 6 -17.46 -2.25 -0.27
N GLY E 7 -17.00 -2.05 -1.49
CA GLY E 7 -17.41 -0.90 -2.27
C GLY E 7 -16.59 -0.73 -3.54
N SER E 8 -16.90 0.31 -4.29
CA SER E 8 -16.07 0.68 -5.44
C SER E 8 -16.29 2.16 -5.72
N ORN E 9 -15.83 7.25 -4.54
CA ORN E 9 -16.13 5.85 -4.15
CB ORN E 9 -14.92 4.93 -4.41
CG ORN E 9 -14.42 4.98 -5.84
CD ORN E 9 -15.35 4.18 -6.77
NE ORN E 9 -15.30 2.76 -6.44
C ORN E 9 -16.50 5.75 -2.67
O ORN E 9 -16.08 6.54 -1.83
H2 ORN E 9 -16.52 7.93 -4.19
H ORN E 9 -15.82 7.40 -5.56
H3 ORN E 9 -14.92 7.59 -4.22
HA ORN E 9 -17.01 5.56 -4.74
HB2 ORN E 9 -14.09 5.22 -3.75
HB3 ORN E 9 -15.23 3.90 -4.20
HG2 ORN E 9 -13.42 4.54 -5.89
HG3 ORN E 9 -14.37 6.02 -6.18
HD2 ORN E 9 -16.37 4.54 -6.64
HD3 ORN E 9 -15.02 4.31 -7.80
HE1 ORN E 9 -14.47 2.27 -6.77
N VAL E 10 -17.35 4.72 -2.37
CA VAL E 10 -17.80 4.49 -1.00
C VAL E 10 -17.69 3.01 -0.70
N HIS E 11 -17.07 2.74 0.44
CA HIS E 11 -16.84 1.39 0.91
C HIS E 11 -17.40 1.28 2.30
N GLY E 12 -18.27 0.31 2.50
CA GLY E 12 -18.95 0.14 3.76
C GLY E 12 -18.53 -1.14 4.44
N MVA E 13 -19.00 -1.35 5.67
CN MVA E 13 -20.04 -0.56 6.30
CA MVA E 13 -18.58 -2.55 6.37
CB MVA E 13 -18.42 -2.34 7.88
CG1 MVA E 13 -17.39 -1.27 8.15
CG2 MVA E 13 -17.96 -3.61 8.60
C MVA E 13 -19.52 -3.66 6.04
O MVA E 13 -20.75 -3.53 6.23
HN1 MVA E 13 -19.69 -0.19 7.23
HN2 MVA E 13 -20.90 -1.15 6.46
HN3 MVA E 13 -20.28 0.27 5.67
HA MVA E 13 -17.59 -2.84 5.98
HB MVA E 13 -19.39 -2.02 8.30
HG11 MVA E 13 -17.63 -0.40 7.58
HG12 MVA E 13 -16.42 -1.61 7.88
HG13 MVA E 13 -17.40 -1.02 9.18
HG21 MVA E 13 -16.99 -3.86 8.28
HG22 MVA E 13 -18.64 -4.40 8.37
HG23 MVA E 13 -17.96 -3.44 9.64
N ALA E 14 -18.99 -4.76 5.51
CA ALA E 14 -19.83 -5.89 5.18
C ALA E 14 -20.21 -6.67 6.45
N THR E 15 -21.48 -6.99 6.59
CA THR E 15 -21.93 -7.85 7.69
C THR E 15 -21.65 -9.32 7.31
N VAL E 16 -20.55 -9.88 7.81
CA VAL E 16 -19.88 -11.18 7.67
C VAL E 16 -20.00 -12.10 8.90
N ORN F 1 16.21 19.53 -7.42
CA ORN F 1 15.44 18.62 -8.31
CB ORN F 1 16.34 18.02 -9.38
CG ORN F 1 16.63 18.97 -10.53
CD ORN F 1 15.49 18.97 -11.56
NE ORN F 1 15.27 17.63 -12.09
C ORN F 1 14.84 17.50 -7.49
O ORN F 1 15.32 17.18 -6.41
H2 ORN F 1 15.72 19.78 -6.56
H ORN F 1 17.11 19.14 -7.13
H3 ORN F 1 16.44 20.43 -7.87
HA ORN F 1 14.62 19.21 -8.72
HB2 ORN F 1 17.29 17.70 -8.93
HB3 ORN F 1 15.81 17.15 -9.80
HG2 ORN F 1 17.55 18.65 -11.04
HG3 ORN F 1 16.76 19.98 -10.14
HD2 ORN F 1 15.77 19.62 -12.40
HD3 ORN F 1 14.56 19.32 -11.08
HE1 ORN F 1 16.01 17.28 -12.69
N ALA F 2 13.75 16.88 -8.04
CA ALA F 2 13.08 15.79 -7.36
C ALA F 2 13.83 14.48 -7.54
N VAL F 3 13.91 13.70 -6.47
CA VAL F 3 14.34 12.31 -6.56
C VAL F 3 13.10 11.46 -6.71
N LEU F 4 13.08 10.66 -7.75
CA LEU F 4 11.90 9.91 -8.13
C LEU F 4 12.26 8.51 -8.54
N PHI F 5 11.26 7.63 -8.49
CA PHI F 5 11.40 6.26 -8.98
CA PHI F 5 11.40 6.28 -8.99
CB PHI F 5 10.88 5.26 -7.91
CB PHI F 5 10.77 5.28 -7.99
CG PHI F 5 11.55 5.68 -6.59
CG PHI F 5 11.77 4.96 -6.85
CD1 PHI F 5 12.91 5.26 -6.30
CD1 PHI F 5 12.85 4.01 -7.08
CD2 PHI F 5 10.88 6.48 -5.69
CD2 PHI F 5 11.63 5.59 -5.64
CE1 PHI F 5 13.51 5.65 -5.13
CE1 PHI F 5 13.72 3.72 -6.07
CE2 PHI F 5 11.49 6.87 -4.53
CE2 PHI F 5 12.53 5.31 -4.63
CZ PHI F 5 12.84 6.45 -4.23
CZ PHI F 5 13.59 4.35 -4.85
I PHI F 5 13.79 7.06 -2.44
I PHI F 5 14.95 3.91 -3.28
C PHI F 5 10.63 6.19 -10.25
O PHI F 5 9.39 6.51 -10.25
H PHI F 5 10.40 7.78 -8.14
HA PHI F 5 12.32 6.07 -9.15
HB2 PHI F 5 11.12 4.40 -8.14
HB2 PHI F 5 10.55 4.49 -8.44
HB3 PHI F 5 9.92 5.33 -7.84
HB3 PHI F 5 9.98 5.67 -7.61
HD1 PHI F 5 13.38 4.70 -6.92
HD1 PHI F 5 12.93 3.57 -7.94
HD2 PHI F 5 9.92 6.80 -5.90
HD2 PHI F 5 10.87 6.26 -5.48
HE1 PHI F 5 14.45 5.35 -4.94
HE1 PHI F 5 14.47 3.06 -6.23
HE2 PHI F 5 10.97 7.48 -3.85
HE2 PHI F 5 12.42 5.77 -3.70
N VAL F 6 11.29 5.79 -11.33
CA VAL F 6 10.65 5.73 -12.65
C VAL F 6 10.67 4.31 -13.19
N GLY F 7 9.53 3.86 -13.66
CA GLY F 7 9.46 2.53 -14.24
C GLY F 7 8.02 2.14 -14.50
N SER F 8 7.84 0.87 -14.86
CA SER F 8 6.52 0.32 -15.14
C SER F 8 6.59 -1.16 -14.90
N ORN F 9 7.29 -5.72 -12.20
CA ORN F 9 7.75 -4.34 -12.63
CB ORN F 9 6.66 -3.27 -12.36
CG ORN F 9 5.32 -3.55 -13.08
CD ORN F 9 5.32 -3.23 -14.57
NE ORN F 9 5.38 -1.81 -14.79
C ORN F 9 9.06 -3.93 -11.90
O ORN F 9 9.40 -4.41 -10.83
H2 ORN F 9 6.60 -6.12 -12.83
H ORN F 9 6.85 -5.74 -11.27
H3 ORN F 9 8.05 -6.41 -12.16
HA ORN F 9 7.99 -4.43 -13.68
HB2 ORN F 9 6.47 -3.21 -11.28
HB3 ORN F 9 7.05 -2.32 -12.74
HG2 ORN F 9 4.54 -2.94 -12.60
HG3 ORN F 9 5.05 -4.61 -12.94
HD2 ORN F 9 6.20 -3.70 -15.03
HD3 ORN F 9 4.40 -3.61 -15.01
HE1 ORN F 9 4.48 -1.32 -14.85
N VAL F 10 9.80 -2.99 -12.55
CA VAL F 10 11.06 -2.50 -12.03
C VAL F 10 11.09 -0.98 -12.18
N HIS F 11 11.47 -0.29 -11.10
CA HIS F 11 11.52 1.16 -11.06
C HIS F 11 12.87 1.63 -10.59
N GLY F 12 13.51 2.48 -11.37
CA GLY F 12 14.85 2.95 -11.06
C GLY F 12 14.81 4.37 -10.57
N MVA F 13 15.94 4.88 -10.07
CN MVA F 13 17.25 4.23 -10.15
CA MVA F 13 15.90 6.22 -9.53
CB MVA F 13 16.77 6.46 -8.29
CG1 MVA F 13 16.50 5.45 -7.19
CG2 MVA F 13 16.49 7.83 -7.69
C MVA F 13 16.29 7.20 -10.57
O MVA F 13 17.29 6.96 -11.29
HN1 MVA F 13 17.66 4.11 -9.19
HN2 MVA F 13 17.90 4.82 -10.74
HN3 MVA F 13 17.15 3.28 -10.61
HA MVA F 13 14.86 6.44 -9.24
HB MVA F 13 17.83 6.41 -8.59
HG11 MVA F 13 16.56 4.47 -7.58
HG12 MVA F 13 15.53 5.61 -6.79
HG13 MVA F 13 17.23 5.56 -6.42
HG21 MVA F 13 15.49 7.86 -7.33
HG22 MVA F 13 16.61 8.57 -8.44
HG23 MVA F 13 17.16 8.02 -6.89
N ALA F 14 15.54 8.27 -10.68
CA ALA F 14 15.90 9.36 -11.57
C ALA F 14 15.79 10.69 -10.85
N THR F 15 16.58 11.65 -11.34
CA THR F 15 16.52 13.01 -10.85
C THR F 15 15.85 13.88 -11.91
N VAL F 16 14.84 14.62 -11.50
CA VAL F 16 14.11 15.51 -12.38
C VAL F 16 14.16 16.90 -11.78
CL CL G . -2.95 -2.90 -6.00
CL CL H . 4.15 -1.21 -10.34
C1 MPD I . -8.91 -10.10 2.79
C2 MPD I . -8.08 -8.95 2.22
O2 MPD I . -8.76 -7.73 2.56
CM MPD I . -6.71 -8.87 2.87
C3 MPD I . -7.91 -9.07 0.70
C4 MPD I . -9.22 -8.93 -0.10
O4 MPD I . -9.02 -8.04 -1.19
C5 MPD I . -9.73 -10.26 -0.66
H11 MPD I . -9.21 -10.76 1.98
H12 MPD I . -9.80 -9.70 3.27
H13 MPD I . -8.33 -10.65 3.51
HO2 MPD I . -8.97 -7.22 1.75
HM1 MPD I . -5.93 -8.91 2.10
HM2 MPD I . -6.57 -9.70 3.56
HM3 MPD I . -6.62 -7.92 3.42
H31 MPD I . -7.21 -8.30 0.37
H32 MPD I . -7.46 -10.04 0.47
H4 MPD I . -9.98 -8.53 0.56
HO4 MPD I . -8.32 -8.36 -1.78
H51 MPD I . -9.82 -10.18 -1.75
H52 MPD I . -10.70 -10.49 -0.24
H53 MPD I . -9.03 -11.05 -0.43
S SO4 J . -9.00 2.33 13.37
O1 SO4 J . -8.88 2.37 14.84
O2 SO4 J . -9.57 1.05 12.96
O3 SO4 J . -9.86 3.43 12.93
O4 SO4 J . -7.67 2.49 12.78
C1 MRD K . 12.66 -10.91 1.91
C2 MRD K . 12.58 -9.88 3.03
O2 MRD K . 11.45 -10.23 3.87
CM MRD K . 13.79 -9.99 3.97
C3 MRD K . 12.45 -8.42 2.53
C4 MRD K . 11.57 -8.13 1.30
O4 MRD K . 11.36 -6.73 1.24
C5 MRD K . 10.20 -8.79 1.25
H1C1 MRD K . 12.62 -10.41 0.95
H1C2 MRD K . 11.84 -11.61 2.00
H1C3 MRD K . 13.61 -11.45 1.98
H2 MRD K . 10.85 -9.47 3.95
HMC1 MRD K . 14.27 -9.01 4.06
HMC2 MRD K . 14.50 -10.71 3.56
HMC3 MRD K . 13.46 -10.31 4.95
H3C1 MRD K . 12.07 -7.82 3.36
H3C2 MRD K . 13.45 -8.05 2.32
H4 MRD K . 12.12 -8.44 0.41
HA MRD K . 10.71 -6.54 0.53
H5C1 MRD K . 9.42 -8.02 1.18
H5C2 MRD K . 10.04 -9.38 2.16
H5C3 MRD K . 10.14 -9.45 0.38
CL CL L . -11.42 2.82 -4.41
#